data_1D62
# 
_entry.id   1D62 
# 
_audit_conform.dict_name       mmcif_pdbx.dic 
_audit_conform.dict_version    5.374 
_audit_conform.dict_location   http://mmcif.pdb.org/dictionaries/ascii/mmcif_pdbx.dic 
# 
loop_
_database_2.database_id 
_database_2.database_code 
_database_2.pdbx_database_accession 
_database_2.pdbx_DOI 
PDB   1D62         pdb_00001d62 10.2210/pdb1d62/pdb 
RCSB  BD0055       ?            ?                   
WWPDB D_1000172663 ?            ?                   
# 
_pdbx_database_status.status_code                     REL 
_pdbx_database_status.entry_id                        1D62 
_pdbx_database_status.recvd_initial_deposition_date   1992-03-01 
_pdbx_database_status.deposit_site                    NDB 
_pdbx_database_status.process_site                    NDB 
_pdbx_database_status.status_code_sf                  REL 
_pdbx_database_status.status_code_mr                  ? 
_pdbx_database_status.SG_entry                        ? 
_pdbx_database_status.pdb_format_compatible           Y 
_pdbx_database_status.status_code_cs                  ? 
_pdbx_database_status.status_code_nmr_data            ? 
_pdbx_database_status.methods_development_category    ? 
# 
loop_
_audit_author.name 
_audit_author.pdbx_ordinal 
'Lipanov, A.'            1 
'Kopka, M.L.'            2 
'Kaczor-Grzeskowiak, M.' 3 
'Dickerson, R.E.'        4 
# 
loop_
_citation.id 
_citation.title 
_citation.journal_abbrev 
_citation.journal_volume 
_citation.page_first 
_citation.page_last 
_citation.year 
_citation.journal_id_ASTM 
_citation.country 
_citation.journal_id_ISSN 
_citation.journal_id_CSD 
_citation.book_publisher 
_citation.pdbx_database_id_PubMed 
_citation.pdbx_database_id_DOI 
primary 'Structure of the B-DNA decamer C-C-A-A-C-I-T-T-G-G in two different space groups: conformational flexibility of B-DNA.' 
Biochemistry 32  1373 1389 1993 BICHAW US 0006-2960 0033 ? 8448146 10.1021/bi00056a024 
1       
;The Structure of the /B-DNA Decamer / C-C-A-A-C-G-T-T-G-G and Comparison with the Isomorphous Decamers /C-C-A-A-G-A-T-T-G-G and /C-C-A-G-G-C-C-T-G-G
;
J.Mol.Biol.  217 177  199  1991 JMOBAK UK 0022-2836 0070 ? ?       ?                   
2       'Crystallographic Study of One Turn of G(Slash)C-Rich B-/DNA' J.Mol.Biol.  210 369  381  1989 JMOBAK UK 0022-2836 0070 ? ? 
?                   
3       'Helix Geometry, Hydration, and G(Dot)A Mismatch in a B-/DNA Decamer' Science      238 498  504  1987 SCIEAS US 0036-8075 
0038 ? ?       ?                   
# 
loop_
_citation_author.citation_id 
_citation_author.name 
_citation_author.ordinal 
_citation_author.identifier_ORCID 
primary 'Lipanov, A.A.'          1  ? 
primary 'Kopka, M.L.'            2  ? 
primary 'Kaczor-Grzeskowiak, M.' 3  ? 
primary 'Dickerson, R.E.'        4  ? 
1       'Prive, G.G.'            5  ? 
1       'Yanagi, K.'             6  ? 
1       'Dickerson, R.E.'        7  ? 
2       'Heinemann, U.'          8  ? 
2       'Alings, C.'             9  ? 
3       'Prive, G.G.'            10 ? 
3       'Heinemann, U.'          11 ? 
3       'Chandrasegaran, S.'     12 ? 
3       'Kan, L.-S.'             13 ? 
3       'Kopka, M.L.'            14 ? 
3       'Dickerson, R.E.'        15 ? 
# 
_cell.entry_id           1D62 
_cell.length_a           32.210 
_cell.length_b           25.140 
_cell.length_c           34.140 
_cell.angle_alpha        90.00 
_cell.angle_beta         114.70 
_cell.angle_gamma        90.00 
_cell.Z_PDB              4 
_cell.pdbx_unique_axis   ? 
# 
_symmetry.entry_id                         1D62 
_symmetry.space_group_name_H-M             'C 1 2 1' 
_symmetry.pdbx_full_space_group_name_H-M   ? 
_symmetry.cell_setting                     ? 
_symmetry.Int_Tables_number                5 
# 
loop_
_entity.id 
_entity.type 
_entity.src_method 
_entity.pdbx_description 
_entity.formula_weight 
_entity.pdbx_number_of_molecules 
_entity.pdbx_ec 
_entity.pdbx_mutation 
_entity.pdbx_fragment 
_entity.details 
1 polymer syn "5'-D(*CP*CP*AP*AP*IP*AP*TP*TP*GP*G)-3'" 3054.016 1  ? ? ? ? 
2 water   nat water                                    18.015   50 ? ? ? ? 
# 
_entity_poly.entity_id                      1 
_entity_poly.type                           polydeoxyribonucleotide 
_entity_poly.nstd_linkage                   no 
_entity_poly.nstd_monomer                   no 
_entity_poly.pdbx_seq_one_letter_code       '(DC)(DC)(DA)(DA)(DI)(DA)(DT)(DT)(DG)(DG)' 
_entity_poly.pdbx_seq_one_letter_code_can   CCAAIATTGG 
_entity_poly.pdbx_strand_id                 A 
_entity_poly.pdbx_target_identifier         ? 
# 
loop_
_entity_poly_seq.entity_id 
_entity_poly_seq.num 
_entity_poly_seq.mon_id 
_entity_poly_seq.hetero 
1 1  DC n 
1 2  DC n 
1 3  DA n 
1 4  DA n 
1 5  DI n 
1 6  DA n 
1 7  DT n 
1 8  DT n 
1 9  DG n 
1 10 DG n 
# 
_struct_ref.id                         1 
_struct_ref.entity_id                  1 
_struct_ref.db_name                    PDB 
_struct_ref.db_code                    1D62 
_struct_ref.pdbx_db_accession          1D62 
_struct_ref.pdbx_db_isoform            ? 
_struct_ref.pdbx_seq_one_letter_code   ? 
_struct_ref.pdbx_align_begin           ? 
# 
_struct_ref_seq.align_id                      1 
_struct_ref_seq.ref_id                        1 
_struct_ref_seq.pdbx_PDB_id_code              1D62 
_struct_ref_seq.pdbx_strand_id                A 
_struct_ref_seq.seq_align_beg                 1 
_struct_ref_seq.pdbx_seq_align_beg_ins_code   ? 
_struct_ref_seq.seq_align_end                 10 
_struct_ref_seq.pdbx_seq_align_end_ins_code   ? 
_struct_ref_seq.pdbx_db_accession             1D62 
_struct_ref_seq.db_align_beg                  1 
_struct_ref_seq.pdbx_db_align_beg_ins_code    ? 
_struct_ref_seq.db_align_end                  10 
_struct_ref_seq.pdbx_db_align_end_ins_code    ? 
_struct_ref_seq.pdbx_auth_seq_align_beg       1 
_struct_ref_seq.pdbx_auth_seq_align_end       10 
# 
loop_
_chem_comp.id 
_chem_comp.type 
_chem_comp.mon_nstd_flag 
_chem_comp.name 
_chem_comp.pdbx_synonyms 
_chem_comp.formula 
_chem_comp.formula_weight 
DA  'DNA linking' y "2'-DEOXYADENOSINE-5'-MONOPHOSPHATE" ? 'C10 H14 N5 O6 P' 331.222 
DC  'DNA linking' y "2'-DEOXYCYTIDINE-5'-MONOPHOSPHATE"  ? 'C9 H14 N3 O7 P'  307.197 
DG  'DNA linking' y "2'-DEOXYGUANOSINE-5'-MONOPHOSPHATE" ? 'C10 H14 N5 O7 P' 347.221 
DI  'DNA linking' y "2'-DEOXYINOSINE-5'-MONOPHOSPHATE"   ? 'C10 H13 N4 O7 P' 332.207 
DT  'DNA linking' y "THYMIDINE-5'-MONOPHOSPHATE"         ? 'C10 H15 N2 O8 P' 322.208 
HOH non-polymer   . WATER                                ? 'H2 O'            18.015  
# 
_exptl.entry_id          1D62 
_exptl.method            'X-RAY DIFFRACTION' 
_exptl.crystals_number   ? 
# 
_exptl_crystal.id                    1 
_exptl_crystal.density_meas          ? 
_exptl_crystal.density_Matthews      1.97 
_exptl_crystal.density_percent_sol   37.67 
_exptl_crystal.description           ? 
# 
_diffrn.id                     1 
_diffrn.ambient_temp           ? 
_diffrn.ambient_temp_details   ? 
_diffrn.crystal_id             1 
# 
_diffrn_radiation.diffrn_id                        1 
_diffrn_radiation.wavelength_id                    1 
_diffrn_radiation.monochromator                    ? 
_diffrn_radiation.pdbx_monochromatic_or_laue_m_l   M 
_diffrn_radiation.pdbx_diffrn_protocol             'SINGLE WAVELENGTH' 
_diffrn_radiation.pdbx_scattering_type             x-ray 
# 
_diffrn_radiation_wavelength.id           1 
_diffrn_radiation_wavelength.wavelength   . 
_diffrn_radiation_wavelength.wt           1.0 
# 
_refine.entry_id                                 1D62 
_refine.ls_number_reflns_obs                     1195 
_refine.ls_number_reflns_all                     ? 
_refine.pdbx_ls_sigma_I                          ? 
_refine.pdbx_ls_sigma_F                          2.0 
_refine.pdbx_data_cutoff_high_absF               ? 
_refine.pdbx_data_cutoff_low_absF                ? 
_refine.pdbx_data_cutoff_high_rms_absF           ? 
_refine.ls_d_res_low                             8.0 
_refine.ls_d_res_high                            2.0 
_refine.ls_percent_reflns_obs                    ? 
_refine.ls_R_factor_obs                          0.1340000 
_refine.ls_R_factor_all                          ? 
_refine.ls_R_factor_R_work                       ? 
_refine.ls_R_factor_R_free                       ? 
_refine.ls_R_factor_R_free_error                 ? 
_refine.ls_R_factor_R_free_error_details         ? 
_refine.ls_percent_reflns_R_free                 ? 
_refine.ls_number_reflns_R_free                  ? 
_refine.ls_number_parameters                     ? 
_refine.ls_number_restraints                     ? 
_refine.occupancy_min                            ? 
_refine.occupancy_max                            ? 
_refine.B_iso_mean                               ? 
_refine.aniso_B[1][1]                            ? 
_refine.aniso_B[2][2]                            ? 
_refine.aniso_B[3][3]                            ? 
_refine.aniso_B[1][2]                            ? 
_refine.aniso_B[1][3]                            ? 
_refine.aniso_B[2][3]                            ? 
_refine.solvent_model_details                    ? 
_refine.solvent_model_param_ksol                 ? 
_refine.solvent_model_param_bsol                 ? 
_refine.pdbx_ls_cross_valid_method               ? 
_refine.details                                  ? 
_refine.pdbx_starting_model                      ? 
_refine.pdbx_method_to_determine_struct          ? 
_refine.pdbx_isotropic_thermal_model             ? 
_refine.pdbx_stereochemistry_target_values       ? 
_refine.pdbx_stereochem_target_val_spec_case     ? 
_refine.pdbx_R_Free_selection_details            ? 
_refine.pdbx_overall_ESU_R                       ? 
_refine.pdbx_overall_ESU_R_Free                  ? 
_refine.overall_SU_ML                            ? 
_refine.overall_SU_B                             ? 
_refine.ls_redundancy_reflns_obs                 ? 
_refine.correlation_coeff_Fo_to_Fc               ? 
_refine.correlation_coeff_Fo_to_Fc_free          ? 
_refine.overall_SU_R_Cruickshank_DPI             ? 
_refine.overall_SU_R_free                        ? 
_refine.pdbx_refine_id                           'X-RAY DIFFRACTION' 
_refine.pdbx_diffrn_id                           1 
_refine.pdbx_TLS_residual_ADP_flag               ? 
_refine.pdbx_solvent_vdw_probe_radii             ? 
_refine.pdbx_solvent_ion_probe_radii             ? 
_refine.pdbx_solvent_shrinkage_radii             ? 
_refine.pdbx_overall_phase_error                 ? 
_refine.pdbx_overall_SU_R_free_Cruickshank_DPI   ? 
_refine.pdbx_overall_SU_R_Blow_DPI               ? 
_refine.pdbx_overall_SU_R_free_Blow_DPI          ? 
# 
_refine_hist.pdbx_refine_id                   'X-RAY DIFFRACTION' 
_refine_hist.cycle_id                         LAST 
_refine_hist.pdbx_number_atoms_protein        0 
_refine_hist.pdbx_number_atoms_nucleic_acid   203 
_refine_hist.pdbx_number_atoms_ligand         0 
_refine_hist.number_atoms_solvent             50 
_refine_hist.number_atoms_total               253 
_refine_hist.d_res_high                       2.0 
_refine_hist.d_res_low                        8.0 
# 
_struct.entry_id                  1D62 
_struct.title                     
'THE STRUCTURE OF A /B-DNA$ DECAMER WITH AN I(SLASH)*A MISMATCH AND COMPARISON WITH THE G(SLASH)*A MISMATCH' 
_struct.pdbx_model_details        ? 
_struct.pdbx_CASP_flag            ? 
_struct.pdbx_model_type_details   ? 
# 
_struct_keywords.entry_id        1D62 
_struct_keywords.pdbx_keywords   DNA 
_struct_keywords.text            DNA 
# 
loop_
_struct_asym.id 
_struct_asym.pdbx_blank_PDB_chainid_flag 
_struct_asym.pdbx_modified 
_struct_asym.entity_id 
_struct_asym.details 
A N N 1 ? 
B N N 2 ? 
# 
_struct_biol.id                    1 
_struct_biol.pdbx_parent_biol_id   ? 
_struct_biol.details               ? 
# 
loop_
_struct_conn.id 
_struct_conn.conn_type_id 
_struct_conn.pdbx_leaving_atom_flag 
_struct_conn.pdbx_PDB_id 
_struct_conn.ptnr1_label_asym_id 
_struct_conn.ptnr1_label_comp_id 
_struct_conn.ptnr1_label_seq_id 
_struct_conn.ptnr1_label_atom_id 
_struct_conn.pdbx_ptnr1_label_alt_id 
_struct_conn.pdbx_ptnr1_PDB_ins_code 
_struct_conn.pdbx_ptnr1_standard_comp_id 
_struct_conn.ptnr1_symmetry 
_struct_conn.ptnr2_label_asym_id 
_struct_conn.ptnr2_label_comp_id 
_struct_conn.ptnr2_label_seq_id 
_struct_conn.ptnr2_label_atom_id 
_struct_conn.pdbx_ptnr2_label_alt_id 
_struct_conn.pdbx_ptnr2_PDB_ins_code 
_struct_conn.ptnr1_auth_asym_id 
_struct_conn.ptnr1_auth_comp_id 
_struct_conn.ptnr1_auth_seq_id 
_struct_conn.ptnr2_auth_asym_id 
_struct_conn.ptnr2_auth_comp_id 
_struct_conn.ptnr2_auth_seq_id 
_struct_conn.ptnr2_symmetry 
_struct_conn.pdbx_ptnr3_label_atom_id 
_struct_conn.pdbx_ptnr3_label_seq_id 
_struct_conn.pdbx_ptnr3_label_comp_id 
_struct_conn.pdbx_ptnr3_label_asym_id 
_struct_conn.pdbx_ptnr3_label_alt_id 
_struct_conn.pdbx_ptnr3_PDB_ins_code 
_struct_conn.details 
_struct_conn.pdbx_dist_value 
_struct_conn.pdbx_value_order 
_struct_conn.pdbx_role 
hydrog1  hydrog ? ? A DC 1  N3 ? ? ? 1_555 A DG 10 N1 ? ? A DC 1  A DG 10 2_555 ? ? ? ? ? ? WATSON-CRICK ? ? ? 
hydrog2  hydrog ? ? A DC 1  N4 ? ? ? 1_555 A DG 10 O6 ? ? A DC 1  A DG 10 2_555 ? ? ? ? ? ? WATSON-CRICK ? ? ? 
hydrog3  hydrog ? ? A DC 1  O2 ? ? ? 1_555 A DG 10 N2 ? ? A DC 1  A DG 10 2_555 ? ? ? ? ? ? WATSON-CRICK ? ? ? 
hydrog4  hydrog ? ? A DC 2  N3 ? ? ? 1_555 A DG 9  N1 ? ? A DC 2  A DG 9  2_555 ? ? ? ? ? ? WATSON-CRICK ? ? ? 
hydrog5  hydrog ? ? A DC 2  N4 ? ? ? 1_555 A DG 9  O6 ? ? A DC 2  A DG 9  2_555 ? ? ? ? ? ? WATSON-CRICK ? ? ? 
hydrog6  hydrog ? ? A DC 2  O2 ? ? ? 1_555 A DG 9  N2 ? ? A DC 2  A DG 9  2_555 ? ? ? ? ? ? WATSON-CRICK ? ? ? 
hydrog7  hydrog ? ? A DA 3  N1 ? ? ? 1_555 A DT 8  N3 ? ? A DA 3  A DT 8  2_555 ? ? ? ? ? ? WATSON-CRICK ? ? ? 
hydrog8  hydrog ? ? A DA 3  N6 ? ? ? 1_555 A DT 8  O4 ? ? A DA 3  A DT 8  2_555 ? ? ? ? ? ? WATSON-CRICK ? ? ? 
hydrog9  hydrog ? ? A DA 4  N1 ? ? ? 1_555 A DT 7  N3 ? ? A DA 4  A DT 7  2_555 ? ? ? ? ? ? WATSON-CRICK ? ? ? 
hydrog10 hydrog ? ? A DA 4  N6 ? ? ? 1_555 A DT 7  O4 ? ? A DA 4  A DT 7  2_555 ? ? ? ? ? ? WATSON-CRICK ? ? ? 
hydrog11 hydrog ? ? A DT 7  N3 ? ? ? 1_555 A DA 4  N1 ? ? A DT 7  A DA 4  2_555 ? ? ? ? ? ? WATSON-CRICK ? ? ? 
hydrog12 hydrog ? ? A DT 7  O4 ? ? ? 1_555 A DA 4  N6 ? ? A DT 7  A DA 4  2_555 ? ? ? ? ? ? WATSON-CRICK ? ? ? 
hydrog13 hydrog ? ? A DT 8  N3 ? ? ? 1_555 A DA 3  N1 ? ? A DT 8  A DA 3  2_555 ? ? ? ? ? ? WATSON-CRICK ? ? ? 
hydrog14 hydrog ? ? A DT 8  O4 ? ? ? 1_555 A DA 3  N6 ? ? A DT 8  A DA 3  2_555 ? ? ? ? ? ? WATSON-CRICK ? ? ? 
hydrog15 hydrog ? ? A DG 9  N1 ? ? ? 1_555 A DC 2  N3 ? ? A DG 9  A DC 2  2_555 ? ? ? ? ? ? WATSON-CRICK ? ? ? 
hydrog16 hydrog ? ? A DG 9  N2 ? ? ? 1_555 A DC 2  O2 ? ? A DG 9  A DC 2  2_555 ? ? ? ? ? ? WATSON-CRICK ? ? ? 
hydrog17 hydrog ? ? A DG 9  O6 ? ? ? 1_555 A DC 2  N4 ? ? A DG 9  A DC 2  2_555 ? ? ? ? ? ? WATSON-CRICK ? ? ? 
hydrog18 hydrog ? ? A DG 10 N1 ? ? ? 1_555 A DC 1  N3 ? ? A DG 10 A DC 1  2_555 ? ? ? ? ? ? WATSON-CRICK ? ? ? 
hydrog19 hydrog ? ? A DG 10 N2 ? ? ? 1_555 A DC 1  O2 ? ? A DG 10 A DC 1  2_555 ? ? ? ? ? ? WATSON-CRICK ? ? ? 
hydrog20 hydrog ? ? A DG 10 O6 ? ? ? 1_555 A DC 1  N4 ? ? A DG 10 A DC 1  2_555 ? ? ? ? ? ? WATSON-CRICK ? ? ? 
# 
_struct_conn_type.id          hydrog 
_struct_conn_type.criteria    ? 
_struct_conn_type.reference   ? 
# 
_atom_sites.entry_id                    1D62 
_atom_sites.fract_transf_matrix[1][1]   0.00500307 
_atom_sites.fract_transf_matrix[1][2]   0.03178120 
_atom_sites.fract_transf_matrix[1][3]   -0.01151943 
_atom_sites.fract_transf_vector[1]      0.033028 
_atom_sites.fract_transf_matrix[2][1]   -0.01471199 
_atom_sites.fract_transf_matrix[2][2]   -0.01052453 
_atom_sites.fract_transf_matrix[2][3]   -0.03542600 
_atom_sites.fract_transf_vector[2]      -0.002281 
_atom_sites.fract_transf_matrix[3][1]   -0.02490144 
_atom_sites.fract_transf_matrix[3][2]   0.02000118 
_atom_sites.fract_transf_matrix[3][3]   0.00439922 
_atom_sites.fract_transf_vector[3]      0.016623 
# 
loop_
_atom_type.symbol 
C 
N 
O 
P 
# 
loop_
_atom_site.group_PDB 
_atom_site.id 
_atom_site.type_symbol 
_atom_site.label_atom_id 
_atom_site.label_alt_id 
_atom_site.label_comp_id 
_atom_site.label_asym_id 
_atom_site.label_entity_id 
_atom_site.label_seq_id 
_atom_site.pdbx_PDB_ins_code 
_atom_site.Cartn_x 
_atom_site.Cartn_y 
_atom_site.Cartn_z 
_atom_site.occupancy 
_atom_site.B_iso_or_equiv 
_atom_site.pdbx_formal_charge 
_atom_site.auth_seq_id 
_atom_site.auth_comp_id 
_atom_site.auth_asym_id 
_atom_site.auth_atom_id 
_atom_site.pdbx_PDB_model_num 
ATOM   1   O "O5'" . DC  A 1 1  ? -15.750 -4.390  6.157  1.00 26.79 ? 1  DC  A "O5'" 1 
ATOM   2   C "C5'" . DC  A 1 1  ? -17.077 -3.938  5.781  1.00 10.74 ? 1  DC  A "C5'" 1 
ATOM   3   C "C4'" . DC  A 1 1  ? -16.916 -2.944  4.657  1.00 12.07 ? 1  DC  A "C4'" 1 
ATOM   4   O "O4'" . DC  A 1 1  ? -16.624 -1.631  5.114  1.00 23.95 ? 1  DC  A "O4'" 1 
ATOM   5   C "C3'" . DC  A 1 1  ? -15.822 -3.244  3.620  1.00 16.77 ? 1  DC  A "C3'" 1 
ATOM   6   O "O3'" . DC  A 1 1  ? -16.376 -2.942  2.362  1.00 17.40 ? 1  DC  A "O3'" 1 
ATOM   7   C "C2'" . DC  A 1 1  ? -14.642 -2.328  3.952  1.00 13.29 ? 1  DC  A "C2'" 1 
ATOM   8   C "C1'" . DC  A 1 1  ? -15.429 -1.125  4.436  1.00 16.58 ? 1  DC  A "C1'" 1 
ATOM   9   N N1    . DC  A 1 1  ? -14.749 -0.430  5.530  1.00 18.33 ? 1  DC  A N1    1 
ATOM   10  C C2    . DC  A 1 1  ? -14.430 0.888   5.320  1.00 5.54  ? 1  DC  A C2    1 
ATOM   11  O O2    . DC  A 1 1  ? -14.705 1.389   4.246  1.00 2.96  ? 1  DC  A O2    1 
ATOM   12  N N3    . DC  A 1 1  ? -13.793 1.571   6.310  1.00 0.00  ? 1  DC  A N3    1 
ATOM   13  C C4    . DC  A 1 1  ? -13.535 0.989   7.507  1.00 9.16  ? 1  DC  A C4    1 
ATOM   14  N N4    . DC  A 1 1  ? -12.920 1.662   8.458  1.00 1.38  ? 1  DC  A N4    1 
ATOM   15  C C5    . DC  A 1 1  ? -13.898 -0.392  7.723  1.00 15.64 ? 1  DC  A C5    1 
ATOM   16  C C6    . DC  A 1 1  ? -14.483 -1.071  6.726  1.00 13.03 ? 1  DC  A C6    1 
ATOM   17  P P     . DC  A 1 2  ? -15.877 -3.792  1.071  1.00 19.77 ? 2  DC  A P     1 
ATOM   18  O OP1   . DC  A 1 2  ? -17.238 -3.977  0.482  1.00 21.05 ? 2  DC  A OP1   1 
ATOM   19  O OP2   . DC  A 1 2  ? -15.101 -4.962  1.533  1.00 14.04 ? 2  DC  A OP2   1 
ATOM   20  O "O5'" . DC  A 1 2  ? -14.879 -2.781  0.288  1.00 15.85 ? 2  DC  A "O5'" 1 
ATOM   21  C "C5'" . DC  A 1 2  ? -15.416 -1.541  -0.315 1.00 12.96 ? 2  DC  A "C5'" 1 
ATOM   22  C "C4'" . DC  A 1 2  ? -14.155 -0.715  -0.551 1.00 9.99  ? 2  DC  A "C4'" 1 
ATOM   23  O "O4'" . DC  A 1 2  ? -13.607 -0.348  0.665  1.00 4.58  ? 2  DC  A "O4'" 1 
ATOM   24  C "C3'" . DC  A 1 2  ? -13.011 -1.500  -1.235 1.00 10.97 ? 2  DC  A "C3'" 1 
ATOM   25  O "O3'" . DC  A 1 2  ? -12.504 -0.706  -2.284 1.00 18.53 ? 2  DC  A "O3'" 1 
ATOM   26  C "C2'" . DC  A 1 2  ? -12.005 -1.752  -0.102 1.00 13.75 ? 2  DC  A "C2'" 1 
ATOM   27  C "C1'" . DC  A 1 2  ? -12.174 -0.479  0.665  1.00 5.25  ? 2  DC  A "C1'" 1 
ATOM   28  N N1    . DC  A 1 2  ? -11.784 -0.383  2.076  1.00 10.38 ? 2  DC  A N1    1 
ATOM   29  C C2    . DC  A 1 2  ? -11.421 0.922   2.468  1.00 10.78 ? 2  DC  A C2    1 
ATOM   30  O O2    . DC  A 1 2  ? -11.460 1.904   1.687  1.00 1.83  ? 2  DC  A O2    1 
ATOM   31  N N3    . DC  A 1 2  ? -11.028 1.077   3.741  1.00 6.42  ? 2  DC  A N3    1 
ATOM   32  C C4    . DC  A 1 2  ? -11.016 0.025   4.636  1.00 3.82  ? 2  DC  A C4    1 
ATOM   33  N N4    . DC  A 1 2  ? -10.642 0.303   5.880  1.00 9.80  ? 2  DC  A N4    1 
ATOM   34  C C5    . DC  A 1 2  ? -11.355 -1.276  4.237  1.00 2.09  ? 2  DC  A C5    1 
ATOM   35  C C6    . DC  A 1 2  ? -11.743 -1.413  2.952  1.00 15.24 ? 2  DC  A C6    1 
ATOM   36  P P     . DA  A 1 3  ? -12.855 -0.574  -3.783 1.00 23.58 ? 3  DA  A P     1 
ATOM   37  O OP1   . DA  A 1 3  ? -14.372 -0.347  -3.923 1.00 37.28 ? 3  DA  A OP1   1 
ATOM   38  O OP2   . DA  A 1 3  ? -12.429 -1.790  -4.564 1.00 31.59 ? 3  DA  A OP2   1 
ATOM   39  O "O5'" . DA  A 1 3  ? -12.064 0.700   -4.360 1.00 19.46 ? 3  DA  A "O5'" 1 
ATOM   40  C "C5'" . DA  A 1 3  ? -12.760 1.942   -4.556 1.00 15.30 ? 3  DA  A "C5'" 1 
ATOM   41  C "C4'" . DA  A 1 3  ? -11.787 2.984   -4.069 1.00 20.48 ? 3  DA  A "C4'" 1 
ATOM   42  O "O4'" . DA  A 1 3  ? -11.158 2.706   -2.825 1.00 12.37 ? 3  DA  A "O4'" 1 
ATOM   43  C "C3'" . DA  A 1 3  ? -10.679 3.164   -5.120 1.00 10.57 ? 3  DA  A "C3'" 1 
ATOM   44  O "O3'" . DA  A 1 3  ? -10.439 4.577   -5.216 1.00 19.32 ? 3  DA  A "O3'" 1 
ATOM   45  C "C2'" . DA  A 1 3  ? -9.500  2.408   -4.487 1.00 15.64 ? 3  DA  A "C2'" 1 
ATOM   46  C "C1'" . DA  A 1 3  ? -9.706  2.755   -3.019 1.00 15.60 ? 3  DA  A "C1'" 1 
ATOM   47  N N9    . DA  A 1 3  ? -9.314  1.695   -2.092 1.00 6.24  ? 3  DA  A N9    1 
ATOM   48  C C8    . DA  A 1 3  ? -9.501  0.354   -2.349 1.00 7.49  ? 3  DA  A C8    1 
ATOM   49  N N7    . DA  A 1 3  ? -9.131  -0.393  -1.369 1.00 3.96  ? 3  DA  A N7    1 
ATOM   50  C C5    . DA  A 1 3  ? -8.735  0.495   -0.386 1.00 11.78 ? 3  DA  A C5    1 
ATOM   51  C C6    . DA  A 1 3  ? -8.281  0.243   0.931  1.00 9.83  ? 3  DA  A C6    1 
ATOM   52  N N6    . DA  A 1 3  ? -8.171  -1.032  1.352  1.00 8.28  ? 3  DA  A N6    1 
ATOM   53  N N1    . DA  A 1 3  ? -8.010  1.376   1.649  1.00 13.68 ? 3  DA  A N1    1 
ATOM   54  C C2    . DA  A 1 3  ? -8.149  2.611   1.105  1.00 6.20  ? 3  DA  A C2    1 
ATOM   55  N N3    . DA  A 1 3  ? -8.612  2.915   -0.100 1.00 8.87  ? 3  DA  A N3    1 
ATOM   56  C C4    . DA  A 1 3  ? -8.847  1.804   -0.816 1.00 7.64  ? 3  DA  A C4    1 
ATOM   57  P P     . DA  A 1 4  ? -9.367  5.185   -6.304 1.00 9.84  ? 4  DA  A P     1 
ATOM   58  O OP1   . DA  A 1 4  ? -10.026 6.471   -6.537 1.00 10.04 ? 4  DA  A OP1   1 
ATOM   59  O OP2   . DA  A 1 4  ? -9.250  4.107   -7.360 1.00 5.60  ? 4  DA  A OP2   1 
ATOM   60  O "O5'" . DA  A 1 4  ? -7.964  5.087   -5.461 1.00 4.78  ? 4  DA  A "O5'" 1 
ATOM   61  C "C5'" . DA  A 1 4  ? -7.840  6.147   -4.461 1.00 11.35 ? 4  DA  A "C5'" 1 
ATOM   62  C "C4'" . DA  A 1 4  ? -6.532  5.831   -3.786 1.00 28.27 ? 4  DA  A "C4'" 1 
ATOM   63  O "O4'" . DA  A 1 4  ? -6.611  4.727   -2.904 1.00 12.30 ? 4  DA  A "O4'" 1 
ATOM   64  C "C3'" . DA  A 1 4  ? -5.402  5.509   -4.784 1.00 22.94 ? 4  DA  A "C3'" 1 
ATOM   65  O "O3'" . DA  A 1 4  ? -4.237  6.182   -4.316 1.00 37.47 ? 4  DA  A "O3'" 1 
ATOM   66  C "C2'" . DA  A 1 4  ? -5.357  3.972   -4.742 1.00 18.34 ? 4  DA  A "C2'" 1 
ATOM   67  C "C1'" . DA  A 1 4  ? -5.553  3.823   -3.227 1.00 12.39 ? 4  DA  A "C1'" 1 
ATOM   68  N N9    . DA  A 1 4  ? -5.689  2.413   -2.834 1.00 1.32  ? 4  DA  A N9    1 
ATOM   69  C C8    . DA  A 1 4  ? -6.018  1.302   -3.527 1.00 8.07  ? 4  DA  A C8    1 
ATOM   70  N N7    . DA  A 1 4  ? -5.940  0.204   -2.836 1.00 13.97 ? 4  DA  A N7    1 
ATOM   71  C C5    . DA  A 1 4  ? -5.550  0.628   -1.565 1.00 13.40 ? 4  DA  A C5    1 
ATOM   72  C C6    . DA  A 1 4  ? -5.269  -0.077  -0.354 1.00 2.21  ? 4  DA  A C6    1 
ATOM   73  N N6    . DA  A 1 4  ? -5.420  -1.394  -0.287 1.00 5.97  ? 4  DA  A N6    1 
ATOM   74  N N1    . DA  A 1 4  ? -4.896  0.655   0.696  1.00 7.66  ? 4  DA  A N1    1 
ATOM   75  C C2    . DA  A 1 4  ? -4.794  2.035   0.633  1.00 12.38 ? 4  DA  A C2    1 
ATOM   76  N N3    . DA  A 1 4  ? -5.019  2.747   -0.482 1.00 11.15 ? 4  DA  A N3    1 
ATOM   77  C C4    . DA  A 1 4  ? -5.388  1.992   -1.549 1.00 3.31  ? 4  DA  A C4    1 
ATOM   78  P P     . DI  A 1 5  ? -3.672  7.512   -5.130 1.00 37.10 ? 5  DI  A P     1 
ATOM   79  O OP1   . DI  A 1 5  ? -4.775  8.396   -4.866 1.00 40.49 ? 5  DI  A OP1   1 
ATOM   80  O OP2   . DI  A 1 5  ? -3.123  6.786   -6.358 1.00 37.96 ? 5  DI  A OP2   1 
ATOM   81  O "O5'" . DI  A 1 5  ? -2.364  7.963   -4.299 1.00 30.17 ? 5  DI  A "O5'" 1 
ATOM   82  C "C5'" . DI  A 1 5  ? -2.507  8.356   -2.926 1.00 36.11 ? 5  DI  A "C5'" 1 
ATOM   83  C "C4'" . DI  A 1 5  ? -1.646  7.439   -2.091 1.00 31.44 ? 5  DI  A "C4'" 1 
ATOM   84  O "O4'" . DI  A 1 5  ? -2.227  6.133   -2.076 1.00 26.11 ? 5  DI  A "O4'" 1 
ATOM   85  C "C3'" . DI  A 1 5  ? -0.202  7.231   -2.465 1.00 26.29 ? 5  DI  A "C3'" 1 
ATOM   86  O "O3'" . DI  A 1 5  ? 0.669   7.139   -1.326 1.00 35.96 ? 5  DI  A "O3'" 1 
ATOM   87  C "C2'" . DI  A 1 5  ? -0.196  5.810   -3.059 1.00 34.68 ? 5  DI  A "C2'" 1 
ATOM   88  C "C1'" . DI  A 1 5  ? -1.111  5.232   -1.961 1.00 23.63 ? 5  DI  A "C1'" 1 
ATOM   89  N N9    . DI  A 1 5  ? -1.472  3.843   -2.210 1.00 13.06 ? 5  DI  A N9    1 
ATOM   90  C C8    . DI  A 1 5  ? -1.701  3.280   -3.451 1.00 11.36 ? 5  DI  A C8    1 
ATOM   91  N N7    . DI  A 1 5  ? -1.982  2.017   -3.360 1.00 8.60  ? 5  DI  A N7    1 
ATOM   92  C C5    . DI  A 1 5  ? -1.885  1.723   -1.989 1.00 13.42 ? 5  DI  A C5    1 
ATOM   93  C C6    . DI  A 1 5  ? -2.082  0.482   -1.302 1.00 14.59 ? 5  DI  A C6    1 
ATOM   94  O O6    . DI  A 1 5  ? -2.391  -0.605  -1.875 1.00 9.03  ? 5  DI  A O6    1 
ATOM   95  N N1    . DI  A 1 5  ? -1.931  0.583   0.056  1.00 8.16  ? 5  DI  A N1    1 
ATOM   96  C C2    . DI  A 1 5  ? -1.560  1.746   0.674  1.00 5.19  ? 5  DI  A C2    1 
ATOM   97  N N3    . DI  A 1 5  ? -1.342  2.932   0.056  1.00 12.79 ? 5  DI  A N3    1 
ATOM   98  C C4    . DI  A 1 5  ? -1.525  2.833   -1.283 1.00 6.25  ? 5  DI  A C4    1 
ATOM   99  P P     . DA  A 1 6  ? 1.946   8.203   -1.460 1.00 31.95 ? 6  DA  A P     1 
ATOM   100 O OP1   . DA  A 1 6  ? 1.227   9.487   -1.205 1.00 36.13 ? 6  DA  A OP1   1 
ATOM   101 O OP2   . DA  A 1 6  ? 2.420   7.899   -2.829 1.00 24.89 ? 6  DA  A OP2   1 
ATOM   102 O "O5'" . DA  A 1 6  ? 2.852   7.734   -0.269 1.00 35.73 ? 6  DA  A "O5'" 1 
ATOM   103 C "C5'" . DA  A 1 6  ? 2.065   7.479   0.941  1.00 34.18 ? 6  DA  A "C5'" 1 
ATOM   104 C "C4'" . DA  A 1 6  ? 2.632   6.316   1.669  1.00 26.53 ? 6  DA  A "C4'" 1 
ATOM   105 O "O4'" . DA  A 1 6  ? 2.105   5.049   1.333  1.00 26.43 ? 6  DA  A "O4'" 1 
ATOM   106 C "C3'" . DA  A 1 6  ? 4.165   6.213   1.472  1.00 30.14 ? 6  DA  A "C3'" 1 
ATOM   107 O "O3'" . DA  A 1 6  ? 4.615   5.804   2.739  1.00 32.53 ? 6  DA  A "O3'" 1 
ATOM   108 C "C2'" . DA  A 1 6  ? 4.266   5.217   0.323  1.00 25.06 ? 6  DA  A "C2'" 1 
ATOM   109 C "C1'" . DA  A 1 6  ? 3.186   4.255   0.755  1.00 19.60 ? 6  DA  A "C1'" 1 
ATOM   110 N N9    . DA  A 1 6  ? 2.707   3.442   -0.373 1.00 20.81 ? 6  DA  A N9    1 
ATOM   111 C C8    . DA  A 1 6  ? 2.483   3.729   -1.689 1.00 13.53 ? 6  DA  A C8    1 
ATOM   112 N N7    . DA  A 1 6  ? 2.040   2.724   -2.392 1.00 12.39 ? 6  DA  A N7    1 
ATOM   113 C C5    . DA  A 1 6  ? 1.943   1.686   -1.437 1.00 8.26  ? 6  DA  A C5    1 
ATOM   114 C C6    . DA  A 1 6  ? 1.514   0.353   -1.557 1.00 9.84  ? 6  DA  A C6    1 
ATOM   115 N N6    . DA  A 1 6  ? 1.114   -0.215  -2.715 1.00 8.31  ? 6  DA  A N6    1 
ATOM   116 N N1    . DA  A 1 6  ? 1.590   -0.354  -0.402 1.00 12.06 ? 6  DA  A N1    1 
ATOM   117 C C2    . DA  A 1 6  ? 1.989   0.181   0.786  1.00 12.18 ? 6  DA  A C2    1 
ATOM   118 N N3    . DA  A 1 6  ? 2.385   1.438   0.982  1.00 12.38 ? 6  DA  A N3    1 
ATOM   119 C C4    . DA  A 1 6  ? 2.332   2.116   -0.194 1.00 13.22 ? 6  DA  A C4    1 
ATOM   120 P P     . DT  A 1 7  ? 6.118   5.527   3.166  1.00 38.94 ? 7  DT  A P     1 
ATOM   121 O OP1   . DT  A 1 7  ? 6.073   6.240   4.460  1.00 25.37 ? 7  DT  A OP1   1 
ATOM   122 O OP2   . DT  A 1 7  ? 7.043   6.028   2.100  1.00 37.55 ? 7  DT  A OP2   1 
ATOM   123 O "O5'" . DT  A 1 7  ? 6.127   3.913   3.282  1.00 28.42 ? 7  DT  A "O5'" 1 
ATOM   124 C "C5'" . DT  A 1 7  ? 5.510   3.209   4.381  1.00 20.16 ? 7  DT  A "C5'" 1 
ATOM   125 C "C4'" . DT  A 1 7  ? 5.663   1.760   3.985  1.00 22.19 ? 7  DT  A "C4'" 1 
ATOM   126 O "O4'" . DT  A 1 7  ? 5.193   1.434   2.697  1.00 25.52 ? 7  DT  A "O4'" 1 
ATOM   127 C "C3'" . DT  A 1 7  ? 7.142   1.341   4.001  1.00 20.16 ? 7  DT  A "C3'" 1 
ATOM   128 O "O3'" . DT  A 1 7  ? 7.305   0.740   5.305  1.00 22.27 ? 7  DT  A "O3'" 1 
ATOM   129 C "C2'" . DT  A 1 7  ? 7.362   0.476   2.772  1.00 5.97  ? 7  DT  A "C2'" 1 
ATOM   130 C "C1'" . DT  A 1 7  ? 5.984   0.285   2.184  1.00 15.79 ? 7  DT  A "C1'" 1 
ATOM   131 N N1    . DT  A 1 7  ? 5.767   0.409   0.738  1.00 12.80 ? 7  DT  A N1    1 
ATOM   132 C C2    . DT  A 1 7  ? 5.198   -0.681  0.088  1.00 10.33 ? 7  DT  A C2    1 
ATOM   133 O O2    . DT  A 1 7  ? 4.913   -1.770  0.563  1.00 12.06 ? 7  DT  A O2    1 
ATOM   134 N N3    . DT  A 1 7  ? 4.947   -0.569  -1.250 1.00 15.12 ? 7  DT  A N3    1 
ATOM   135 C C4    . DT  A 1 7  ? 5.190   0.616   -1.929 1.00 1.80  ? 7  DT  A C4    1 
ATOM   136 O O4    . DT  A 1 7  ? 4.857   0.540   -3.133 1.00 11.84 ? 7  DT  A O4    1 
ATOM   137 C C5    . DT  A 1 7  ? 5.729   1.731   -1.230 1.00 9.55  ? 7  DT  A C5    1 
ATOM   138 C C7    . DT  A 1 7  ? 6.039   2.995   -2.000 1.00 11.01 ? 7  DT  A C7    1 
ATOM   139 C C6    . DT  A 1 7  ? 6.003   1.597   0.090  1.00 0.00  ? 7  DT  A C6    1 
ATOM   140 P P     . DT  A 1 8  ? 8.774   0.321   5.789  1.00 24.32 ? 8  DT  A P     1 
ATOM   141 O OP1   . DT  A 1 8  ? 8.772   0.122   7.214  1.00 28.25 ? 8  DT  A OP1   1 
ATOM   142 O OP2   . DT  A 1 8  ? 9.724   1.418   5.288  1.00 31.93 ? 8  DT  A OP2   1 
ATOM   143 O "O5'" . DT  A 1 8  ? 8.879   -1.026  4.914  1.00 24.48 ? 8  DT  A "O5'" 1 
ATOM   144 C "C5'" . DT  A 1 8  ? 8.418   -2.309  5.445  1.00 17.11 ? 8  DT  A "C5'" 1 
ATOM   145 C "C4'" . DT  A 1 8  ? 8.905   -3.278  4.376  1.00 5.45  ? 8  DT  A "C4'" 1 
ATOM   146 O "O4'" . DT  A 1 8  ? 8.501   -2.980  3.057  1.00 16.01 ? 8  DT  A "O4'" 1 
ATOM   147 C "C3'" . DT  A 1 8  ? 10.455  -3.331  4.321  1.00 7.11  ? 8  DT  A "C3'" 1 
ATOM   148 O "O3'" . DT  A 1 8  ? 10.854  -4.671  4.212  1.00 18.66 ? 8  DT  A "O3'" 1 
ATOM   149 C "C2'" . DT  A 1 8  ? 10.741  -2.513  3.075  1.00 8.19  ? 8  DT  A "C2'" 1 
ATOM   150 C "C1'" . DT  A 1 8  ? 9.647   -3.096  2.148  1.00 8.20  ? 8  DT  A "C1'" 1 
ATOM   151 N N1    . DT  A 1 8  ? 9.368   -2.305  0.933  1.00 22.29 ? 8  DT  A N1    1 
ATOM   152 C C2    . DT  A 1 8  ? 8.784   -3.026  -0.118 1.00 9.90  ? 8  DT  A C2    1 
ATOM   153 O O2    . DT  A 1 8  ? 8.615   -4.248  -0.040 1.00 12.12 ? 8  DT  A O2    1 
ATOM   154 N N3    . DT  A 1 8  ? 8.438   -2.361  -1.267 1.00 15.16 ? 8  DT  A N3    1 
ATOM   155 C C4    . DT  A 1 8  ? 8.611   -1.004  -1.372 1.00 14.69 ? 8  DT  A C4    1 
ATOM   156 O O4    . DT  A 1 8  ? 8.275   -0.463  -2.463 1.00 12.12 ? 8  DT  A O4    1 
ATOM   157 C C5    . DT  A 1 8  ? 9.195   -0.274  -0.302 1.00 11.60 ? 8  DT  A C5    1 
ATOM   158 C C7    . DT  A 1 8  ? 9.416   1.210   -0.495 1.00 22.57 ? 8  DT  A C7    1 
ATOM   159 C C6    . DT  A 1 8  ? 9.586   -0.937  0.814  1.00 9.02  ? 8  DT  A C6    1 
ATOM   160 P P     . DG  A 1 9  ? 11.467  -5.610  5.396  1.00 16.49 ? 9  DG  A P     1 
ATOM   161 O OP1   . DG  A 1 9  ? 10.609  -5.210  6.540  1.00 29.09 ? 9  DG  A OP1   1 
ATOM   162 O OP2   . DG  A 1 9  ? 12.894  -5.123  5.358  1.00 31.16 ? 9  DG  A OP2   1 
ATOM   163 O "O5'" . DG  A 1 9  ? 11.403  -7.111  5.013  1.00 11.03 ? 9  DG  A "O5'" 1 
ATOM   164 C "C5'" . DG  A 1 9  ? 10.187  -7.879  4.795  1.00 5.18  ? 9  DG  A "C5'" 1 
ATOM   165 C "C4'" . DG  A 1 9  ? 10.435  -8.768  3.623  1.00 8.89  ? 9  DG  A "C4'" 1 
ATOM   166 O "O4'" . DG  A 1 9  ? 10.582  -8.180  2.360  1.00 5.91  ? 9  DG  A "O4'" 1 
ATOM   167 C "C3'" . DG  A 1 9  ? 11.725  -9.597  3.800  1.00 10.08 ? 9  DG  A "C3'" 1 
ATOM   168 O "O3'" . DG  A 1 9  ? 11.388  -10.892 3.269  1.00 12.88 ? 9  DG  A "O3'" 1 
ATOM   169 C "C2'" . DG  A 1 9  ? 12.751  -8.830  2.985  1.00 12.26 ? 9  DG  A "C2'" 1 
ATOM   170 C "C1'" . DG  A 1 9  ? 11.924  -8.363  1.807  1.00 6.65  ? 9  DG  A "C1'" 1 
ATOM   171 N N9    . DG  A 1 9  ? 12.292  -6.976  1.355  1.00 11.13 ? 9  DG  A N9    1 
ATOM   172 C C8    . DG  A 1 9  ? 13.108  -6.059  1.969  1.00 16.47 ? 9  DG  A C8    1 
ATOM   173 N N7    . DG  A 1 9  ? 13.218  -4.892  1.345  1.00 6.33  ? 9  DG  A N7    1 
ATOM   174 C C5    . DG  A 1 9  ? 12.399  -5.068  0.233  1.00 17.54 ? 9  DG  A C5    1 
ATOM   175 C C6    . DG  A 1 9  ? 12.098  -4.165  -0.816 1.00 12.54 ? 9  DG  A C6    1 
ATOM   176 O O6    . DG  A 1 9  ? 12.470  -3.000  -0.981 1.00 4.21  ? 9  DG  A O6    1 
ATOM   177 N N1    . DG  A 1 9  ? 11.269  -4.722  -1.760 1.00 2.56  ? 9  DG  A N1    1 
ATOM   178 C C2    . DG  A 1 9  ? 10.765  -5.962  -1.675 1.00 6.80  ? 9  DG  A C2    1 
ATOM   179 N N2    . DG  A 1 9  ? 9.979   -6.285  -2.694 1.00 10.86 ? 9  DG  A N2    1 
ATOM   180 N N3    . DG  A 1 9  ? 11.015  -6.828  -0.708 1.00 11.80 ? 9  DG  A N3    1 
ATOM   181 C C4    . DG  A 1 9  ? 11.829  -6.325  0.227  1.00 10.21 ? 9  DG  A C4    1 
ATOM   182 P P     . DG  A 1 10 ? 12.406  -12.104 3.401  1.00 18.32 ? 10 DG  A P     1 
ATOM   183 O OP1   . DG  A 1 10 ? 11.512  -13.315 3.427  1.00 15.30 ? 10 DG  A OP1   1 
ATOM   184 O OP2   . DG  A 1 10 ? 13.334  -11.746 4.504  1.00 10.37 ? 10 DG  A OP2   1 
ATOM   185 O "O5'" . DG  A 1 10 ? 13.270  -12.144 1.974  1.00 9.30  ? 10 DG  A "O5'" 1 
ATOM   186 C "C5'" . DG  A 1 10 ? 12.279  -12.563 0.974  1.00 15.88 ? 10 DG  A "C5'" 1 
ATOM   187 C "C4'" . DG  A 1 10 ? 12.879  -12.057 -0.326 1.00 22.02 ? 10 DG  A "C4'" 1 
ATOM   188 O "O4'" . DG  A 1 10 ? 12.926  -10.640 -0.284 1.00 15.12 ? 10 DG  A "O4'" 1 
ATOM   189 C "C3'" . DG  A 1 10 ? 14.299  -12.582 -0.540 1.00 14.82 ? 10 DG  A "C3'" 1 
ATOM   190 O "O3'" . DG  A 1 10 ? 14.310  -13.755 -1.350 1.00 21.50 ? 10 DG  A "O3'" 1 
ATOM   191 C "C2'" . DG  A 1 10 ? 15.008  -11.404 -1.164 1.00 14.26 ? 10 DG  A "C2'" 1 
ATOM   192 C "C1'" . DG  A 1 10 ? 13.959  -10.320 -1.218 1.00 14.67 ? 10 DG  A "C1'" 1 
ATOM   193 N N9    . DG  A 1 10 ? 14.542  -9.028  -0.813 1.00 13.49 ? 10 DG  A N9    1 
ATOM   194 C C8    . DG  A 1 10 ? 15.281  -8.685  0.290  1.00 10.44 ? 10 DG  A C8    1 
ATOM   195 N N7    . DG  A 1 10 ? 15.621  -7.428  0.311  1.00 6.94  ? 10 DG  A N7    1 
ATOM   196 C C5    . DG  A 1 10 ? 15.082  -6.908  -0.860 1.00 11.27 ? 10 DG  A C5    1 
ATOM   197 C C6    . DG  A 1 10 ? 15.124  -5.610  -1.458 1.00 10.85 ? 10 DG  A C6    1 
ATOM   198 O O6    . DG  A 1 10 ? 15.709  -4.629  -0.993 1.00 14.12 ? 10 DG  A O6    1 
ATOM   199 N N1    . DG  A 1 10 ? 14.475  -5.515  -2.670 1.00 13.52 ? 10 DG  A N1    1 
ATOM   200 C C2    . DG  A 1 10 ? 13.817  -6.545  -3.263 1.00 1.32  ? 10 DG  A C2    1 
ATOM   201 N N2    . DG  A 1 10 ? 13.245  -6.343  -4.439 1.00 10.80 ? 10 DG  A N2    1 
ATOM   202 N N3    . DG  A 1 10 ? 13.753  -7.760  -2.751 1.00 11.47 ? 10 DG  A N3    1 
ATOM   203 C C4    . DG  A 1 10 ? 14.417  -7.892  -1.570 1.00 8.83  ? 10 DG  A C4    1 
HETATM 204 O O     . HOH B 2 .  ? 18.099  -3.413  -0.041 0.50 8.71  ? 11 HOH A O     1 
HETATM 205 O O     . HOH B 2 .  ? -17.949 1.926   0.628  0.50 25.12 ? 12 HOH A O     1 
HETATM 206 O O     . HOH B 2 .  ? -2.966  -3.031  -6.784 0.50 39.52 ? 13 HOH A O     1 
HETATM 207 O O     . HOH B 2 .  ? 8.154   3.672   0.963  1.00 29.95 ? 14 HOH A O     1 
HETATM 208 O O     . HOH B 2 .  ? -10.520 -2.317  7.743  1.00 24.79 ? 15 HOH A O     1 
HETATM 209 O O     . HOH B 2 .  ? 15.430  -3.482  1.936  1.00 22.59 ? 16 HOH A O     1 
HETATM 210 O O     . HOH B 2 .  ? -10.928 -4.059  -3.895 1.00 36.39 ? 17 HOH A O     1 
HETATM 211 O O     . HOH B 2 .  ? 9.303   2.032   -3.637 1.00 15.08 ? 18 HOH A O     1 
HETATM 212 O O     . HOH B 2 .  ? -11.521 7.166   -4.206 1.00 27.71 ? 19 HOH A O     1 
HETATM 213 O O     . HOH B 2 .  ? -6.956  2.017   -7.054 1.00 43.93 ? 20 HOH A O     1 
HETATM 214 O O     . HOH B 2 .  ? -12.051 -4.259  1.130  1.00 26.39 ? 21 HOH A O     1 
HETATM 215 O O     . HOH B 2 .  ? -12.181 9.976   -3.468 1.00 51.04 ? 22 HOH A O     1 
HETATM 216 O O     . HOH B 2 .  ? -10.075 -0.288  10.153 1.00 29.42 ? 23 HOH A O     1 
HETATM 217 O O     . HOH B 2 .  ? -0.731  5.310   -5.748 1.00 37.40 ? 24 HOH A O     1 
HETATM 218 O O     . HOH B 2 .  ? 6.900   0.215   -6.130 1.00 23.97 ? 25 HOH A O     1 
HETATM 219 O O     . HOH B 2 .  ? -12.820 -3.573  8.540  1.00 36.35 ? 26 HOH A O     1 
HETATM 220 O O     . HOH B 2 .  ? 5.880   9.521   -3.159 1.00 26.06 ? 27 HOH A O     1 
HETATM 221 O O     . HOH B 2 .  ? 1.023   7.580   -6.360 1.00 28.03 ? 28 HOH A O     1 
HETATM 222 O O     . HOH B 2 .  ? 8.191   -5.569  7.743  1.00 44.95 ? 29 HOH A O     1 
HETATM 223 O O     . HOH B 2 .  ? 12.317  -16.201 0.286  1.00 48.59 ? 30 HOH A O     1 
HETATM 224 O O     . HOH B 2 .  ? 5.124   6.015   -2.803 1.00 36.45 ? 31 HOH A O     1 
HETATM 225 O O     . HOH B 2 .  ? -4.861  -0.010  -6.705 1.00 37.85 ? 32 HOH A O     1 
HETATM 226 O O     . HOH B 2 .  ? -4.519  4.425   -8.112 1.00 40.08 ? 33 HOH A O     1 
HETATM 227 O O     . HOH B 2 .  ? -9.284  -3.258  -1.957 1.00 38.86 ? 34 HOH A O     1 
HETATM 228 O O     . HOH B 2 .  ? -10.829 11.503  -5.796 1.00 33.32 ? 35 HOH A O     1 
HETATM 229 O O     . HOH B 2 .  ? 1.661   3.027   3.095  1.00 55.94 ? 36 HOH A O     1 
HETATM 230 O O     . HOH B 2 .  ? -4.799  -1.340  -9.447 1.00 44.77 ? 37 HOH A O     1 
HETATM 231 O O     . HOH B 2 .  ? -8.330  10.020  -5.617 1.00 49.84 ? 38 HOH A O     1 
HETATM 232 O O     . HOH B 2 .  ? -4.335  5.344   -0.614 1.00 36.86 ? 39 HOH A O     1 
HETATM 233 O O     . HOH B 2 .  ? 12.737  -2.750  7.570  1.00 30.25 ? 40 HOH A O     1 
HETATM 234 O O     . HOH B 2 .  ? -6.414  -4.838  1.033  1.00 35.37 ? 41 HOH A O     1 
HETATM 235 O O     . HOH B 2 .  ? 14.092  -1.491  0.666  1.00 49.43 ? 42 HOH A O     1 
HETATM 236 O O     . HOH B 2 .  ? -1.237  3.567   5.294  1.00 50.09 ? 43 HOH A O     1 
HETATM 237 O O     . HOH B 2 .  ? 9.380   4.684   -2.038 1.00 38.10 ? 44 HOH A O     1 
HETATM 238 O O     . HOH B 2 .  ? 3.817   8.728   -5.719 1.00 37.44 ? 45 HOH A O     1 
HETATM 239 O O     . HOH B 2 .  ? -15.482 1.654   1.690  1.00 40.04 ? 46 HOH A O     1 
HETATM 240 O O     . HOH B 2 .  ? 17.736  -2.348  3.345  1.00 44.72 ? 47 HOH A O     1 
HETATM 241 O O     . HOH B 2 .  ? -15.044 2.852   -0.882 1.00 35.38 ? 48 HOH A O     1 
HETATM 242 O O     . HOH B 2 .  ? 1.233   3.729   -4.815 1.00 44.32 ? 49 HOH A O     1 
HETATM 243 O O     . HOH B 2 .  ? 8.190   -7.179  1.419  1.00 44.55 ? 50 HOH A O     1 
HETATM 244 O O     . HOH B 2 .  ? 6.920   7.955   6.985  1.00 44.07 ? 51 HOH A O     1 
HETATM 245 O O     . HOH B 2 .  ? -12.706 -0.346  10.481 1.00 35.33 ? 52 HOH A O     1 
HETATM 246 O O     . HOH B 2 .  ? -2.721  1.272   -5.745 1.00 41.06 ? 53 HOH A O     1 
HETATM 247 O O     . HOH B 2 .  ? -1.403  10.623  -4.109 1.00 43.60 ? 54 HOH A O     1 
HETATM 248 O O     . HOH B 2 .  ? 2.777   5.956   -5.045 1.00 41.86 ? 55 HOH A O     1 
HETATM 249 O O     . HOH B 2 .  ? -9.600  9.614   -0.949 1.00 39.38 ? 56 HOH A O     1 
HETATM 250 O O     . HOH B 2 .  ? 14.239  -2.906  4.931  1.00 41.58 ? 57 HOH A O     1 
HETATM 251 O O     . HOH B 2 .  ? -4.936  11.733  -6.806 1.00 40.41 ? 58 HOH A O     1 
HETATM 252 O O     . HOH B 2 .  ? -2.450  9.812   -7.531 1.00 41.05 ? 59 HOH A O     1 
HETATM 253 O O     . HOH B 2 .  ? 0.901   12.080  -3.923 1.00 42.44 ? 60 HOH A O     1 
# 
loop_
_pdbx_poly_seq_scheme.asym_id 
_pdbx_poly_seq_scheme.entity_id 
_pdbx_poly_seq_scheme.seq_id 
_pdbx_poly_seq_scheme.mon_id 
_pdbx_poly_seq_scheme.ndb_seq_num 
_pdbx_poly_seq_scheme.pdb_seq_num 
_pdbx_poly_seq_scheme.auth_seq_num 
_pdbx_poly_seq_scheme.pdb_mon_id 
_pdbx_poly_seq_scheme.auth_mon_id 
_pdbx_poly_seq_scheme.pdb_strand_id 
_pdbx_poly_seq_scheme.pdb_ins_code 
_pdbx_poly_seq_scheme.hetero 
A 1 1  DC 1  1  1  DC C A . n 
A 1 2  DC 2  2  2  DC C A . n 
A 1 3  DA 3  3  3  DA A A . n 
A 1 4  DA 4  4  4  DA A A . n 
A 1 5  DI 5  5  5  DI I A . n 
A 1 6  DA 6  6  6  DA A A . n 
A 1 7  DT 7  7  7  DT T A . n 
A 1 8  DT 8  8  8  DT T A . n 
A 1 9  DG 9  9  9  DG G A . n 
A 1 10 DG 10 10 10 DG G A . n 
# 
loop_
_pdbx_nonpoly_scheme.asym_id 
_pdbx_nonpoly_scheme.entity_id 
_pdbx_nonpoly_scheme.mon_id 
_pdbx_nonpoly_scheme.ndb_seq_num 
_pdbx_nonpoly_scheme.pdb_seq_num 
_pdbx_nonpoly_scheme.auth_seq_num 
_pdbx_nonpoly_scheme.pdb_mon_id 
_pdbx_nonpoly_scheme.auth_mon_id 
_pdbx_nonpoly_scheme.pdb_strand_id 
_pdbx_nonpoly_scheme.pdb_ins_code 
B 2 HOH 1  11 11 HOH HOH A . 
B 2 HOH 2  12 12 HOH HOH A . 
B 2 HOH 3  13 13 HOH HOH A . 
B 2 HOH 4  14 14 HOH HOH A . 
B 2 HOH 5  15 15 HOH HOH A . 
B 2 HOH 6  16 16 HOH HOH A . 
B 2 HOH 7  17 17 HOH HOH A . 
B 2 HOH 8  18 18 HOH HOH A . 
B 2 HOH 9  19 19 HOH HOH A . 
B 2 HOH 10 20 20 HOH HOH A . 
B 2 HOH 11 21 21 HOH HOH A . 
B 2 HOH 12 22 22 HOH HOH A . 
B 2 HOH 13 23 23 HOH HOH A . 
B 2 HOH 14 24 24 HOH HOH A . 
B 2 HOH 15 25 25 HOH HOH A . 
B 2 HOH 16 26 26 HOH HOH A . 
B 2 HOH 17 27 27 HOH HOH A . 
B 2 HOH 18 28 28 HOH HOH A . 
B 2 HOH 19 29 29 HOH HOH A . 
B 2 HOH 20 30 30 HOH HOH A . 
B 2 HOH 21 31 31 HOH HOH A . 
B 2 HOH 22 32 32 HOH HOH A . 
B 2 HOH 23 33 33 HOH HOH A . 
B 2 HOH 24 34 34 HOH HOH A . 
B 2 HOH 25 35 35 HOH HOH A . 
B 2 HOH 26 36 36 HOH HOH A . 
B 2 HOH 27 37 37 HOH HOH A . 
B 2 HOH 28 38 38 HOH HOH A . 
B 2 HOH 29 39 39 HOH HOH A . 
B 2 HOH 30 40 40 HOH HOH A . 
B 2 HOH 31 41 41 HOH HOH A . 
B 2 HOH 32 42 42 HOH HOH A . 
B 2 HOH 33 43 43 HOH HOH A . 
B 2 HOH 34 44 44 HOH HOH A . 
B 2 HOH 35 45 45 HOH HOH A . 
B 2 HOH 36 46 46 HOH HOH A . 
B 2 HOH 37 47 47 HOH HOH A . 
B 2 HOH 38 48 48 HOH HOH A . 
B 2 HOH 39 49 49 HOH HOH A . 
B 2 HOH 40 50 50 HOH HOH A . 
B 2 HOH 41 51 51 HOH HOH A . 
B 2 HOH 42 52 52 HOH HOH A . 
B 2 HOH 43 53 53 HOH HOH A . 
B 2 HOH 44 54 54 HOH HOH A . 
B 2 HOH 45 55 55 HOH HOH A . 
B 2 HOH 46 56 56 HOH HOH A . 
B 2 HOH 47 57 57 HOH HOH A . 
B 2 HOH 48 58 58 HOH HOH A . 
B 2 HOH 49 59 59 HOH HOH A . 
B 2 HOH 50 60 60 HOH HOH A . 
# 
_pdbx_struct_assembly.id                   1 
_pdbx_struct_assembly.details              author_defined_assembly 
_pdbx_struct_assembly.method_details       ? 
_pdbx_struct_assembly.oligomeric_details   dimeric 
_pdbx_struct_assembly.oligomeric_count     2 
# 
_pdbx_struct_assembly_gen.assembly_id       1 
_pdbx_struct_assembly_gen.oper_expression   1,2 
_pdbx_struct_assembly_gen.asym_id_list      A,B 
# 
loop_
_pdbx_struct_oper_list.id 
_pdbx_struct_oper_list.type 
_pdbx_struct_oper_list.name 
_pdbx_struct_oper_list.symmetry_operation 
_pdbx_struct_oper_list.matrix[1][1] 
_pdbx_struct_oper_list.matrix[1][2] 
_pdbx_struct_oper_list.matrix[1][3] 
_pdbx_struct_oper_list.vector[1] 
_pdbx_struct_oper_list.matrix[2][1] 
_pdbx_struct_oper_list.matrix[2][2] 
_pdbx_struct_oper_list.matrix[2][3] 
_pdbx_struct_oper_list.vector[2] 
_pdbx_struct_oper_list.matrix[3][1] 
_pdbx_struct_oper_list.matrix[3][2] 
_pdbx_struct_oper_list.matrix[3][3] 
_pdbx_struct_oper_list.vector[3] 
1 'identity operation'         1_555 x,y,z   1.0000000000  0.0000000000 0.0000000000 0.0000000000  0.0000000000 1.0000000000  0.0000000000 0.0000000000  0.0000000000 0.0000000000 1.0000000000 0.0000000000 
2 'crystal symmetry operation' 2_555 -x,y,-z -0.7264046761 0.1957221500 0.6588088392 -0.0573676373 0.1957221500 -0.8599860574 0.4712927128 -1.8604693042 0.6588088392 0.4712927128 0.5863907335 0.5765413985 
# 
loop_
_pdbx_struct_special_symmetry.id 
_pdbx_struct_special_symmetry.PDB_model_num 
_pdbx_struct_special_symmetry.auth_asym_id 
_pdbx_struct_special_symmetry.auth_comp_id 
_pdbx_struct_special_symmetry.auth_seq_id 
_pdbx_struct_special_symmetry.PDB_ins_code 
_pdbx_struct_special_symmetry.label_asym_id 
_pdbx_struct_special_symmetry.label_comp_id 
_pdbx_struct_special_symmetry.label_seq_id 
1 1 A HOH 12 ? B HOH . 
2 1 A HOH 13 ? B HOH . 
# 
loop_
_pdbx_audit_revision_history.ordinal 
_pdbx_audit_revision_history.data_content_type 
_pdbx_audit_revision_history.major_revision 
_pdbx_audit_revision_history.minor_revision 
_pdbx_audit_revision_history.revision_date 
1 'Structure model' 1 0 1993-07-15 
2 'Structure model' 1 1 2008-05-22 
3 'Structure model' 1 2 2011-07-13 
4 'Structure model' 2 0 2023-07-26 
# 
loop_
_pdbx_audit_revision_details.ordinal 
_pdbx_audit_revision_details.revision_ordinal 
_pdbx_audit_revision_details.data_content_type 
_pdbx_audit_revision_details.provider 
_pdbx_audit_revision_details.type 
_pdbx_audit_revision_details.description 
_pdbx_audit_revision_details.details 
1 1 'Structure model' repository 'Initial release' ? ? 
2 4 'Structure model' repository Remediation       ? 
'Coordinates and associated ncs operations (if present) transformed into standard crystal frame' 
# 
loop_
_pdbx_audit_revision_group.ordinal 
_pdbx_audit_revision_group.revision_ordinal 
_pdbx_audit_revision_group.data_content_type 
_pdbx_audit_revision_group.group 
1 2 'Structure model' 'Version format compliance' 
2 3 'Structure model' Advisory                    
3 3 'Structure model' 'Version format compliance' 
4 4 'Structure model' Advisory                    
5 4 'Structure model' 'Atomic model'              
6 4 'Structure model' 'Data collection'           
7 4 'Structure model' 'Database references'       
8 4 'Structure model' 'Derived calculations'      
9 4 'Structure model' Other                       
# 
loop_
_pdbx_audit_revision_category.ordinal 
_pdbx_audit_revision_category.revision_ordinal 
_pdbx_audit_revision_category.data_content_type 
_pdbx_audit_revision_category.category 
1 4 'Structure model' atom_site                    
2 4 'Structure model' atom_sites                   
3 4 'Structure model' database_2                   
4 4 'Structure model' database_PDB_matrix          
5 4 'Structure model' pdbx_database_remark         
6 4 'Structure model' pdbx_struct_special_symmetry 
7 4 'Structure model' pdbx_validate_rmsd_angle     
# 
loop_
_pdbx_audit_revision_item.ordinal 
_pdbx_audit_revision_item.revision_ordinal 
_pdbx_audit_revision_item.data_content_type 
_pdbx_audit_revision_item.item 
1  4 'Structure model' '_atom_site.Cartn_x'                        
2  4 'Structure model' '_atom_site.Cartn_z'                        
3  4 'Structure model' '_atom_site.occupancy'                      
4  4 'Structure model' '_atom_sites.fract_transf_matrix[1][1]'     
5  4 'Structure model' '_atom_sites.fract_transf_matrix[1][3]'     
6  4 'Structure model' '_atom_sites.fract_transf_matrix[3][1]'     
7  4 'Structure model' '_atom_sites.fract_transf_matrix[3][3]'     
8  4 'Structure model' '_database_2.pdbx_DOI'                      
9  4 'Structure model' '_database_2.pdbx_database_accession'       
10 4 'Structure model' '_database_PDB_matrix.origx[1][1]'          
11 4 'Structure model' '_database_PDB_matrix.origx[1][3]'          
12 4 'Structure model' '_database_PDB_matrix.origx[3][1]'          
13 4 'Structure model' '_database_PDB_matrix.origx[3][3]'          
14 4 'Structure model' '_pdbx_validate_rmsd_angle.angle_deviation' 
15 4 'Structure model' '_pdbx_validate_rmsd_angle.angle_value'     
# 
_software.name             NUCLSQ 
_software.classification   refinement 
_software.version          . 
_software.citation_id      ? 
_software.pdbx_ordinal     1 
# 
loop_
_pdbx_validate_rmsd_bond.id 
_pdbx_validate_rmsd_bond.PDB_model_num 
_pdbx_validate_rmsd_bond.auth_atom_id_1 
_pdbx_validate_rmsd_bond.auth_asym_id_1 
_pdbx_validate_rmsd_bond.auth_comp_id_1 
_pdbx_validate_rmsd_bond.auth_seq_id_1 
_pdbx_validate_rmsd_bond.PDB_ins_code_1 
_pdbx_validate_rmsd_bond.label_alt_id_1 
_pdbx_validate_rmsd_bond.auth_atom_id_2 
_pdbx_validate_rmsd_bond.auth_asym_id_2 
_pdbx_validate_rmsd_bond.auth_comp_id_2 
_pdbx_validate_rmsd_bond.auth_seq_id_2 
_pdbx_validate_rmsd_bond.PDB_ins_code_2 
_pdbx_validate_rmsd_bond.label_alt_id_2 
_pdbx_validate_rmsd_bond.bond_value 
_pdbx_validate_rmsd_bond.bond_target_value 
_pdbx_validate_rmsd_bond.bond_deviation 
_pdbx_validate_rmsd_bond.bond_standard_deviation 
_pdbx_validate_rmsd_bond.linker_flag 
1 1 "O4'" A DC 2  ? ? "C4'" A DC 2  ? ? 1.384 1.446 -0.062 0.010 N 
2 1 N3    A DC 2  ? ? C4    A DC 2  ? ? 1.381 1.335 0.046  0.007 N 
3 1 P     A DG 10 ? ? "O5'" A DG 10 ? ? 1.669 1.593 0.076  0.010 N 
# 
loop_
_pdbx_validate_rmsd_angle.id 
_pdbx_validate_rmsd_angle.PDB_model_num 
_pdbx_validate_rmsd_angle.auth_atom_id_1 
_pdbx_validate_rmsd_angle.auth_asym_id_1 
_pdbx_validate_rmsd_angle.auth_comp_id_1 
_pdbx_validate_rmsd_angle.auth_seq_id_1 
_pdbx_validate_rmsd_angle.PDB_ins_code_1 
_pdbx_validate_rmsd_angle.label_alt_id_1 
_pdbx_validate_rmsd_angle.auth_atom_id_2 
_pdbx_validate_rmsd_angle.auth_asym_id_2 
_pdbx_validate_rmsd_angle.auth_comp_id_2 
_pdbx_validate_rmsd_angle.auth_seq_id_2 
_pdbx_validate_rmsd_angle.PDB_ins_code_2 
_pdbx_validate_rmsd_angle.label_alt_id_2 
_pdbx_validate_rmsd_angle.auth_atom_id_3 
_pdbx_validate_rmsd_angle.auth_asym_id_3 
_pdbx_validate_rmsd_angle.auth_comp_id_3 
_pdbx_validate_rmsd_angle.auth_seq_id_3 
_pdbx_validate_rmsd_angle.PDB_ins_code_3 
_pdbx_validate_rmsd_angle.label_alt_id_3 
_pdbx_validate_rmsd_angle.angle_value 
_pdbx_validate_rmsd_angle.angle_target_value 
_pdbx_validate_rmsd_angle.angle_deviation 
_pdbx_validate_rmsd_angle.angle_standard_deviation 
_pdbx_validate_rmsd_angle.linker_flag 
1  1 "O4'" A DC 1  ? ? "C1'" A DC 1  ? ? N1    A DC 1  ? ? 101.36 108.00 -6.64  0.70 N 
2  1 "O5'" A DC 2  ? ? "C5'" A DC 2  ? ? "C4'" A DC 2  ? ? 102.51 109.40 -6.89  0.80 N 
3  1 "O4'" A DC 2  ? ? "C1'" A DC 2  ? ? "C2'" A DC 2  ? ? 100.96 105.90 -4.94  0.80 N 
4  1 N1    A DC 2  ? ? C2    A DC 2  ? ? O2    A DC 2  ? ? 122.89 118.90 3.99   0.60 N 
5  1 "C3'" A DC 2  ? ? "O3'" A DC 2  ? ? P     A DA 3  ? ? 133.49 119.70 13.79  1.20 Y 
6  1 OP1   A DA 3  ? ? P     A DA 3  ? ? OP2   A DA 3  ? ? 110.49 119.60 -9.11  1.50 N 
7  1 "O5'" A DA 3  ? ? "C5'" A DA 3  ? ? "C4'" A DA 3  ? ? 103.93 109.40 -5.47  0.80 N 
8  1 "O4'" A DA 3  ? ? "C1'" A DA 3  ? ? N9    A DA 3  ? ? 99.09  108.00 -8.91  0.70 N 
9  1 C5    A DA 3  ? ? C6    A DA 3  ? ? N1    A DA 3  ? ? 113.80 117.70 -3.90  0.50 N 
10 1 N1    A DA 3  ? ? C6    A DA 3  ? ? N6    A DA 3  ? ? 127.15 118.60 8.55   0.60 N 
11 1 "O5'" A DA 4  ? ? P     A DA 4  ? ? OP1   A DA 4  ? ? 121.32 110.70 10.62  1.20 N 
12 1 "O5'" A DA 4  ? ? "C5'" A DA 4  ? ? "C4'" A DA 4  ? ? 103.13 109.40 -6.27  0.80 N 
13 1 "C3'" A DA 4  ? ? "C2'" A DA 4  ? ? "C1'" A DA 4  ? ? 96.91  102.40 -5.49  0.80 N 
14 1 "O4'" A DA 4  ? ? "C1'" A DA 4  ? ? N9    A DA 4  ? ? 118.55 108.30 10.25  0.30 N 
15 1 N1    A DA 4  ? ? C2    A DA 4  ? ? N3    A DA 4  ? ? 123.62 129.30 -5.68  0.50 N 
16 1 C2    A DA 4  ? ? N3    A DA 4  ? ? C4    A DA 4  ? ? 113.81 110.60 3.21   0.50 N 
17 1 N1    A DA 4  ? ? C6    A DA 4  ? ? N6    A DA 4  ? ? 122.47 118.60 3.87   0.60 N 
18 1 "C3'" A DI 5  ? ? "O3'" A DI 5  ? ? P     A DA 6  ? ? 111.03 119.70 -8.67  1.20 Y 
19 1 "O4'" A DA 6  ? ? "C1'" A DA 6  ? ? N9    A DA 6  ? ? 111.27 108.30 2.97   0.30 N 
20 1 C6    A DA 6  ? ? N1    A DA 6  ? ? C2    A DA 6  ? ? 123.68 118.60 5.08   0.60 N 
21 1 N1    A DA 6  ? ? C2    A DA 6  ? ? N3    A DA 6  ? ? 125.83 129.30 -3.47  0.50 N 
22 1 C5    A DA 6  ? ? C6    A DA 6  ? ? N1    A DA 6  ? ? 113.86 117.70 -3.84  0.50 N 
23 1 "O5'" A DT 7  ? ? "C5'" A DT 7  ? ? "C4'" A DT 7  ? ? 103.00 109.40 -6.40  0.80 N 
24 1 "O4'" A DT 7  ? ? "C1'" A DT 7  ? ? N1    A DT 7  ? ? 101.31 108.00 -6.69  0.70 N 
25 1 C2    A DT 7  ? ? N3    A DT 7  ? ? C4    A DT 7  ? ? 121.14 127.20 -6.06  0.60 N 
26 1 N3    A DT 7  ? ? C4    A DT 7  ? ? C5    A DT 7  ? ? 119.71 115.20 4.51   0.60 N 
27 1 N3    A DT 7  ? ? C2    A DT 7  ? ? O2    A DT 7  ? ? 114.30 122.30 -8.00  0.60 N 
28 1 N3    A DT 7  ? ? C4    A DT 7  ? ? O4    A DT 7  ? ? 111.84 119.90 -8.06  0.60 N 
29 1 "O5'" A DT 8  ? ? "C5'" A DT 8  ? ? "C4'" A DT 8  ? ? 101.69 109.40 -7.71  0.80 N 
30 1 "O4'" A DT 8  ? ? "C1'" A DT 8  ? ? "C2'" A DT 8  ? ? 98.67  105.90 -7.23  0.80 N 
31 1 N1    A DT 8  ? ? C2    A DT 8  ? ? N3    A DT 8  ? ? 118.97 114.60 4.37   0.60 N 
32 1 C2    A DT 8  ? ? N3    A DT 8  ? ? C4    A DT 8  ? ? 120.72 127.20 -6.48  0.60 N 
33 1 N3    A DT 8  ? ? C4    A DT 8  ? ? C5    A DT 8  ? ? 120.20 115.20 5.00   0.60 N 
34 1 "C3'" A DT 8  ? ? "O3'" A DT 8  ? ? P     A DG 9  ? ? 126.92 119.70 7.22   1.20 Y 
35 1 "C5'" A DG 9  ? ? "C4'" A DG 9  ? ? "O4'" A DG 9  ? ? 118.39 109.80 8.59   1.10 N 
36 1 "O4'" A DG 9  ? ? "C1'" A DG 9  ? ? N9    A DG 9  ? ? 102.89 108.00 -5.11  0.70 N 
37 1 "O5'" A DG 10 ? ? "C5'" A DG 10 ? ? "C4'" A DG 10 ? ? 102.74 109.40 -6.66  0.80 N 
38 1 P     A DG 10 ? ? "O5'" A DG 10 ? ? "C5'" A DG 10 ? ? 103.85 120.90 -17.05 1.60 N 
39 1 "C1'" A DG 10 ? ? "O4'" A DG 10 ? ? "C4'" A DG 10 ? ? 103.17 110.10 -6.93  1.00 N 
40 1 C5    A DG 10 ? ? C6    A DG 10 ? ? N1    A DG 10 ? ? 114.65 111.50 3.15   0.50 N 
# 
loop_
_ndb_struct_conf_na.entry_id 
_ndb_struct_conf_na.feature 
1D62 'b-form double helix' 
1D62 'internal loop'       
# 
loop_
_ndb_struct_na_base_pair.model_number 
_ndb_struct_na_base_pair.i_label_asym_id 
_ndb_struct_na_base_pair.i_label_comp_id 
_ndb_struct_na_base_pair.i_label_seq_id 
_ndb_struct_na_base_pair.i_symmetry 
_ndb_struct_na_base_pair.j_label_asym_id 
_ndb_struct_na_base_pair.j_label_comp_id 
_ndb_struct_na_base_pair.j_label_seq_id 
_ndb_struct_na_base_pair.j_symmetry 
_ndb_struct_na_base_pair.shear 
_ndb_struct_na_base_pair.stretch 
_ndb_struct_na_base_pair.stagger 
_ndb_struct_na_base_pair.buckle 
_ndb_struct_na_base_pair.propeller 
_ndb_struct_na_base_pair.opening 
_ndb_struct_na_base_pair.pair_number 
_ndb_struct_na_base_pair.pair_name 
_ndb_struct_na_base_pair.i_auth_asym_id 
_ndb_struct_na_base_pair.i_auth_seq_id 
_ndb_struct_na_base_pair.i_PDB_ins_code 
_ndb_struct_na_base_pair.j_auth_asym_id 
_ndb_struct_na_base_pair.j_auth_seq_id 
_ndb_struct_na_base_pair.j_PDB_ins_code 
_ndb_struct_na_base_pair.hbond_type_28 
_ndb_struct_na_base_pair.hbond_type_12 
1 A DC 1 1_555 A DG 10 2_555 0.096  -0.058 0.381 -9.202 -11.284 0.520  1 A_DC1:DG10_A A 1 ? A 10 ? 19 1 
1 A DC 2 1_555 A DG 9  2_555 -0.048 -0.277 0.117 -4.671 -11.100 -4.335 2 A_DC2:DG9_A  A 2 ? A 9  ? 19 1 
1 A DA 3 1_555 A DT 8  2_555 -0.049 -0.255 0.342 -2.141 -6.374  0.843  3 A_DA3:DT8_A  A 3 ? A 8  ? 20 1 
1 A DA 4 1_555 A DT 7  2_555 -0.654 -0.350 0.097 0.275  -15.545 1.011  4 A_DA4:DT7_A  A 4 ? A 7  ? 20 1 
1 A DC 1 1_555 A DG 10 1_555 0.096  -0.058 0.381 -9.202 -11.284 0.520  5 A_DC1:DG10_A A 1 ? A 10 ? 19 1 
1 A DC 2 1_555 A DG 9  1_555 -0.048 -0.277 0.117 -4.671 -11.100 -4.335 6 A_DC2:DG9_A  A 2 ? A 9  ? 19 1 
1 A DA 3 1_555 A DT 8  1_555 -0.049 -0.255 0.342 -2.141 -6.374  0.843  7 A_DA3:DT8_A  A 3 ? A 8  ? 20 1 
1 A DA 4 1_555 A DT 7  1_555 -0.654 -0.350 0.097 0.275  -15.545 1.011  8 A_DA4:DT7_A  A 4 ? A 7  ? 20 1 
# 
loop_
_ndb_struct_na_base_pair_step.model_number 
_ndb_struct_na_base_pair_step.i_label_asym_id_1 
_ndb_struct_na_base_pair_step.i_label_comp_id_1 
_ndb_struct_na_base_pair_step.i_label_seq_id_1 
_ndb_struct_na_base_pair_step.i_symmetry_1 
_ndb_struct_na_base_pair_step.j_label_asym_id_1 
_ndb_struct_na_base_pair_step.j_label_comp_id_1 
_ndb_struct_na_base_pair_step.j_label_seq_id_1 
_ndb_struct_na_base_pair_step.j_symmetry_1 
_ndb_struct_na_base_pair_step.i_label_asym_id_2 
_ndb_struct_na_base_pair_step.i_label_comp_id_2 
_ndb_struct_na_base_pair_step.i_label_seq_id_2 
_ndb_struct_na_base_pair_step.i_symmetry_2 
_ndb_struct_na_base_pair_step.j_label_asym_id_2 
_ndb_struct_na_base_pair_step.j_label_comp_id_2 
_ndb_struct_na_base_pair_step.j_label_seq_id_2 
_ndb_struct_na_base_pair_step.j_symmetry_2 
_ndb_struct_na_base_pair_step.shift 
_ndb_struct_na_base_pair_step.slide 
_ndb_struct_na_base_pair_step.rise 
_ndb_struct_na_base_pair_step.tilt 
_ndb_struct_na_base_pair_step.roll 
_ndb_struct_na_base_pair_step.twist 
_ndb_struct_na_base_pair_step.x_displacement 
_ndb_struct_na_base_pair_step.y_displacement 
_ndb_struct_na_base_pair_step.helical_rise 
_ndb_struct_na_base_pair_step.inclination 
_ndb_struct_na_base_pair_step.tip 
_ndb_struct_na_base_pair_step.helical_twist 
_ndb_struct_na_base_pair_step.step_number 
_ndb_struct_na_base_pair_step.step_name 
_ndb_struct_na_base_pair_step.i_auth_asym_id_1 
_ndb_struct_na_base_pair_step.i_auth_seq_id_1 
_ndb_struct_na_base_pair_step.i_PDB_ins_code_1 
_ndb_struct_na_base_pair_step.j_auth_asym_id_1 
_ndb_struct_na_base_pair_step.j_auth_seq_id_1 
_ndb_struct_na_base_pair_step.j_PDB_ins_code_1 
_ndb_struct_na_base_pair_step.i_auth_asym_id_2 
_ndb_struct_na_base_pair_step.i_auth_seq_id_2 
_ndb_struct_na_base_pair_step.i_PDB_ins_code_2 
_ndb_struct_na_base_pair_step.j_auth_asym_id_2 
_ndb_struct_na_base_pair_step.j_auth_seq_id_2 
_ndb_struct_na_base_pair_step.j_PDB_ins_code_2 
1 A DC 1 1_555 A DG 10 2_555 A DC 2 1_555 A DG 9 2_555 -0.822 0.602 3.183 2.538  5.234   27.729 0.044  2.255  3.154 10.772  -5.223 
28.321 1 AA_DC1DC2:DG9DG10_AA A 1 ? A 10 ? A 2 ? A 9 ? 
1 A DC 2 1_555 A DG 9  2_555 A DA 3 1_555 A DT 8 2_555 0.168  2.770 3.278 -4.072 -10.761 54.210 3.568  -0.402 2.707 -11.661 4.412  
55.327 2 AA_DC2DA3:DT8DG9_AA  A 2 ? A 9  ? A 3 ? A 8 ? 
1 A DA 3 1_555 A DT 8  2_555 A DA 4 1_555 A DT 7 2_555 0.633  0.290 3.335 1.493  8.512   22.000 -2.255 -1.028 3.252 21.279  -3.731 
23.617 3 AA_DA3DA4:DT7DT8_AA  A 3 ? A 8  ? A 4 ? A 7 ? 
1 A DC 1 1_555 A DG 10 1_555 A DC 2 1_555 A DG 9 1_555 -0.822 0.602 3.183 2.538  5.234   27.729 0.044  2.255  3.154 10.772  -5.223 
28.321 4 AA_DC1DC2:DG9DG10_AA A 1 ? A 10 ? A 2 ? A 9 ? 
1 A DC 2 1_555 A DG 9  1_555 A DA 3 1_555 A DT 8 1_555 0.168  2.770 3.278 -4.072 -10.761 54.210 3.568  -0.402 2.707 -11.661 4.412  
55.327 5 AA_DC2DA3:DT8DG9_AA  A 2 ? A 9  ? A 3 ? A 8 ? 
1 A DA 3 1_555 A DT 8  1_555 A DA 4 1_555 A DT 7 1_555 0.633  0.290 3.335 1.493  8.512   22.000 -2.255 -1.028 3.252 21.279  -3.731 
23.617 6 AA_DA3DA4:DT7DT8_AA  A 3 ? A 8  ? A 4 ? A 7 ? 
# 
_pdbx_entity_nonpoly.entity_id   2 
_pdbx_entity_nonpoly.name        water 
_pdbx_entity_nonpoly.comp_id     HOH 
# 
